data_3VIR
#
_entry.id   3VIR
#
_cell.length_a   177.240
_cell.length_b   57.899
_cell.length_c   64.432
_cell.angle_alpha   90.00
_cell.angle_beta   96.73
_cell.angle_gamma   90.00
#
_symmetry.space_group_name_H-M   'C 1 2 1'
#
loop_
_entity.id
_entity.type
_entity.pdbx_description
1 polymer 'Mating-type switching protein swi5'
2 non-polymer 'octyl beta-D-glucopyranoside'
#
_entity_poly.entity_id   1
_entity_poly.type   'polypeptide(L)'
_entity_poly.pdbx_seq_one_letter_code
;MEKSQLESRVHLLEQQKEQLESSLQDALAKLKNRDAKQTVQKHIDLLHTYNEIRDIALGMIGKVAEHEKCTSVELFDRFG
VNGSE
;
_entity_poly.pdbx_strand_id   A,B,C,D
#
loop_
_chem_comp.id
_chem_comp.type
_chem_comp.name
_chem_comp.formula
BOG D-saccharide 'octyl beta-D-glucopyranoside' 'C14 H28 O6'
#
# COMPACT_ATOMS: atom_id res chain seq x y z
N HIS A 11 -6.41 -9.17 -27.39
CA HIS A 11 -7.45 -8.69 -26.43
C HIS A 11 -6.84 -8.32 -25.07
N LEU A 12 -5.83 -9.09 -24.65
CA LEU A 12 -5.33 -9.11 -23.27
C LEU A 12 -4.66 -7.82 -22.78
N LEU A 13 -4.97 -6.69 -23.43
CA LEU A 13 -4.76 -5.35 -22.86
C LEU A 13 -5.27 -5.47 -21.43
N GLU A 14 -6.55 -5.83 -21.30
CA GLU A 14 -7.28 -5.74 -20.04
C GLU A 14 -7.15 -6.99 -19.15
N GLN A 15 -6.92 -8.17 -19.73
CA GLN A 15 -6.81 -9.38 -18.91
C GLN A 15 -5.64 -9.27 -17.89
N GLN A 16 -4.46 -8.93 -18.40
CA GLN A 16 -3.21 -9.00 -17.63
C GLN A 16 -2.96 -7.73 -16.84
N LYS A 17 -3.58 -6.64 -17.27
CA LYS A 17 -3.54 -5.39 -16.52
C LYS A 17 -4.41 -5.51 -15.26
N GLU A 18 -5.64 -6.04 -15.36
CA GLU A 18 -6.50 -6.15 -14.17
C GLU A 18 -6.11 -7.23 -13.14
N GLN A 19 -5.46 -8.32 -13.56
CA GLN A 19 -5.03 -9.34 -12.59
C GLN A 19 -3.84 -8.79 -11.81
N LEU A 20 -3.03 -8.01 -12.49
CA LEU A 20 -1.94 -7.29 -11.87
C LEU A 20 -2.51 -6.33 -10.85
N GLU A 21 -3.45 -5.48 -11.28
CA GLU A 21 -3.94 -4.39 -10.41
C GLU A 21 -4.61 -4.94 -9.17
N SER A 22 -5.39 -5.99 -9.36
CA SER A 22 -5.96 -6.67 -8.21
C SER A 22 -4.84 -7.12 -7.26
N SER A 23 -3.92 -7.94 -7.76
CA SER A 23 -2.76 -8.41 -7.04
C SER A 23 -1.95 -7.32 -6.31
N LEU A 24 -1.78 -6.16 -6.94
CA LEU A 24 -1.13 -5.04 -6.26
C LEU A 24 -2.01 -4.56 -5.12
N GLN A 25 -3.23 -4.09 -5.39
CA GLN A 25 -4.08 -3.56 -4.31
C GLN A 25 -4.19 -4.54 -3.14
N ASP A 26 -4.15 -5.84 -3.43
CA ASP A 26 -4.28 -6.85 -2.37
C ASP A 26 -3.02 -6.87 -1.49
N ALA A 27 -1.87 -7.09 -2.11
CA ALA A 27 -0.55 -6.95 -1.47
C ALA A 27 -0.47 -5.75 -0.53
N LEU A 28 -0.89 -4.61 -1.02
CA LEU A 28 -0.91 -3.41 -0.22
C LEU A 28 -1.93 -3.51 0.92
N ALA A 29 -3.12 -4.00 0.64
CA ALA A 29 -4.08 -4.22 1.69
C ALA A 29 -3.39 -5.02 2.81
N LYS A 30 -2.77 -6.14 2.42
CA LYS A 30 -2.26 -7.10 3.40
C LYS A 30 -1.22 -6.45 4.24
N LEU A 31 -0.33 -5.72 3.57
CA LEU A 31 0.81 -5.03 4.24
C LEU A 31 0.30 -3.96 5.15
N LYS A 32 -0.77 -3.28 4.77
CA LYS A 32 -1.33 -2.25 5.63
C LYS A 32 -2.03 -2.89 6.83
N ASN A 33 -2.56 -4.10 6.69
CA ASN A 33 -3.32 -4.72 7.77
C ASN A 33 -2.34 -5.14 8.83
N ARG A 34 -1.20 -5.66 8.37
CA ARG A 34 -0.06 -6.06 9.20
C ARG A 34 0.52 -4.90 10.00
N ASP A 35 0.62 -3.69 9.47
CA ASP A 35 1.15 -2.57 10.27
C ASP A 35 0.16 -2.13 11.35
N ALA A 36 -1.11 -2.18 10.99
CA ALA A 36 -2.16 -1.85 11.91
C ALA A 36 -2.22 -2.84 13.08
N LYS A 37 -2.19 -4.15 12.79
CA LYS A 37 -2.26 -5.17 13.83
C LYS A 37 -1.15 -4.95 14.85
N GLN A 38 0.01 -4.59 14.33
CA GLN A 38 1.20 -4.48 15.15
C GLN A 38 1.28 -3.06 15.74
N THR A 39 0.50 -2.10 15.25
CA THR A 39 0.37 -0.85 16.02
C THR A 39 -0.50 -1.05 17.26
N VAL A 40 -1.67 -1.67 17.12
CA VAL A 40 -2.49 -1.89 18.32
C VAL A 40 -1.66 -2.66 19.32
N GLN A 41 -0.75 -3.51 18.82
CA GLN A 41 0.12 -4.28 19.71
C GLN A 41 1.20 -3.47 20.41
N LYS A 42 1.72 -2.45 19.76
CA LYS A 42 2.64 -1.55 20.44
C LYS A 42 1.90 -0.94 21.60
N HIS A 43 0.69 -0.46 21.33
CA HIS A 43 -0.13 0.22 22.33
C HIS A 43 -0.52 -0.66 23.48
N ILE A 44 -1.02 -1.85 23.20
CA ILE A 44 -1.31 -2.82 24.26
C ILE A 44 -0.07 -3.13 25.17
N ASP A 45 1.11 -3.06 24.59
CA ASP A 45 2.30 -3.35 25.33
C ASP A 45 2.67 -2.16 26.17
N LEU A 46 2.55 -0.96 25.62
CA LEU A 46 2.84 0.24 26.41
C LEU A 46 1.91 0.30 27.60
N LEU A 47 0.68 -0.11 27.39
CA LEU A 47 -0.26 -0.11 28.47
C LEU A 47 0.19 -1.13 29.52
N HIS A 48 0.69 -2.28 29.10
CA HIS A 48 1.12 -3.26 30.06
C HIS A 48 2.29 -2.70 30.96
N THR A 49 3.27 -2.07 30.32
CA THR A 49 4.43 -1.49 31.00
C THR A 49 4.05 -0.37 31.95
N TYR A 50 3.09 0.44 31.54
CA TYR A 50 2.65 1.57 32.35
C TYR A 50 1.92 1.02 33.57
N ASN A 51 1.12 0.00 33.41
CA ASN A 51 0.43 -0.51 34.57
C ASN A 51 1.43 -1.02 35.57
N GLU A 52 2.52 -1.62 35.09
CA GLU A 52 3.48 -2.30 35.98
C GLU A 52 4.34 -1.28 36.72
N ILE A 53 4.89 -0.33 35.99
CA ILE A 53 5.71 0.71 36.60
C ILE A 53 4.90 1.43 37.62
N ARG A 54 3.65 1.70 37.25
CA ARG A 54 2.75 2.45 38.10
C ARG A 54 2.58 1.69 39.39
N ASP A 55 2.15 0.43 39.30
CA ASP A 55 1.91 -0.40 40.47
C ASP A 55 3.11 -0.38 41.39
N ILE A 56 4.29 -0.55 40.82
CA ILE A 56 5.46 -0.58 41.64
C ILE A 56 5.62 0.76 42.28
N ALA A 57 5.51 1.84 41.51
CA ALA A 57 5.96 3.11 42.07
C ALA A 57 5.02 3.42 43.21
N LEU A 58 3.74 3.23 43.01
CA LEU A 58 2.80 3.52 44.09
C LEU A 58 2.98 2.56 45.29
N GLY A 59 3.60 1.39 45.05
CA GLY A 59 3.96 0.44 46.12
C GLY A 59 5.02 0.99 47.08
N MET A 60 6.11 1.44 46.49
CA MET A 60 7.15 2.20 47.15
C MET A 60 6.56 3.33 47.92
N ILE A 61 5.71 4.11 47.27
CA ILE A 61 5.01 5.24 47.96
C ILE A 61 4.23 4.86 49.20
N GLY A 62 3.48 3.75 49.14
CA GLY A 62 2.77 3.24 50.32
C GLY A 62 3.71 2.86 51.44
N LYS A 63 4.80 2.17 51.14
CA LYS A 63 5.75 1.76 52.19
C LYS A 63 6.31 3.02 52.81
N VAL A 64 6.92 3.92 52.01
CA VAL A 64 7.37 5.19 52.60
C VAL A 64 6.23 5.86 53.38
N ALA A 65 5.00 5.75 52.90
CA ALA A 65 3.83 6.24 53.65
C ALA A 65 3.83 5.62 55.01
N GLU A 66 3.85 4.29 55.06
CA GLU A 66 3.86 3.59 56.34
C GLU A 66 5.06 4.00 57.24
N HIS A 67 6.25 4.20 56.64
CA HIS A 67 7.44 4.62 57.42
C HIS A 67 7.19 5.99 58.00
N GLU A 68 6.61 6.87 57.21
CA GLU A 68 6.37 8.21 57.71
C GLU A 68 5.36 8.17 58.80
N LYS A 69 4.41 7.26 58.76
CA LYS A 69 3.44 7.21 59.86
C LYS A 69 4.19 6.87 61.15
N CYS A 70 5.07 5.88 61.07
CA CYS A 70 5.84 5.41 62.24
C CYS A 70 6.64 6.50 62.83
N THR A 71 7.55 7.10 62.05
CA THR A 71 8.31 8.25 62.57
C THR A 71 7.38 9.20 63.31
N SER A 72 6.30 9.64 62.64
CA SER A 72 5.41 10.63 63.20
C SER A 72 4.86 10.14 64.54
N VAL A 73 4.38 8.90 64.56
CA VAL A 73 3.87 8.30 65.82
C VAL A 73 4.94 8.33 66.90
N GLU A 74 6.20 8.22 66.49
CA GLU A 74 7.31 8.27 67.43
C GLU A 74 7.45 9.68 67.97
N LEU A 75 7.55 10.67 67.09
CA LEU A 75 7.62 12.09 67.51
C LEU A 75 6.51 12.48 68.47
N PHE A 76 5.30 11.95 68.30
CA PHE A 76 4.16 12.32 69.17
C PHE A 76 4.23 11.68 70.56
N ASP A 77 4.25 10.34 70.59
CA ASP A 77 4.39 9.58 71.85
C ASP A 77 5.62 10.04 72.66
N ARG A 78 6.65 10.54 71.95
CA ARG A 78 7.74 11.35 72.52
C ARG A 78 7.24 12.79 72.84
N PHE A 79 7.48 13.78 71.97
CA PHE A 79 7.05 15.18 72.26
C PHE A 79 5.55 15.29 72.49
N GLU B 2 12.27 0.81 71.54
CA GLU B 2 13.43 1.42 70.82
C GLU B 2 14.20 0.34 70.06
N LYS B 3 15.05 -0.45 70.74
CA LYS B 3 15.95 -1.42 70.05
C LYS B 3 15.30 -2.72 69.51
N SER B 4 14.28 -3.27 70.20
CA SER B 4 13.52 -4.42 69.67
C SER B 4 12.88 -3.97 68.41
N GLN B 5 12.18 -2.84 68.50
CA GLN B 5 11.28 -2.42 67.46
C GLN B 5 12.02 -1.82 66.28
N LEU B 6 13.17 -1.20 66.52
CA LEU B 6 13.97 -0.68 65.39
C LEU B 6 14.61 -1.84 64.62
N GLU B 7 14.79 -2.97 65.28
CA GLU B 7 15.24 -4.16 64.60
C GLU B 7 14.07 -4.78 63.83
N SER B 8 12.82 -4.46 64.17
CA SER B 8 11.66 -4.84 63.34
C SER B 8 11.71 -4.05 62.03
N ARG B 9 11.75 -2.72 62.17
CA ARG B 9 11.78 -1.79 61.04
C ARG B 9 12.92 -2.06 60.06
N VAL B 10 14.14 -2.25 60.57
CA VAL B 10 15.26 -2.53 59.68
C VAL B 10 15.07 -3.86 58.97
N HIS B 11 14.59 -4.88 59.68
CA HIS B 11 14.26 -6.15 59.02
C HIS B 11 13.24 -5.88 57.93
N LEU B 12 12.10 -5.32 58.32
CA LEU B 12 11.01 -5.03 57.39
C LEU B 12 11.53 -4.39 56.11
N LEU B 13 12.32 -3.32 56.26
CA LEU B 13 12.82 -2.61 55.12
C LEU B 13 13.57 -3.60 54.30
N GLU B 14 14.55 -4.29 54.84
CA GLU B 14 15.32 -5.30 54.02
C GLU B 14 14.39 -6.25 53.21
N GLN B 15 13.35 -6.75 53.85
CA GLN B 15 12.31 -7.55 53.21
C GLN B 15 11.64 -6.76 52.06
N GLN B 16 11.37 -5.48 52.30
CA GLN B 16 10.85 -4.60 51.26
C GLN B 16 11.84 -4.37 50.12
N LYS B 17 13.09 -4.00 50.42
CA LYS B 17 14.06 -3.88 49.34
C LYS B 17 14.09 -5.15 48.48
N GLU B 18 13.97 -6.31 49.11
CA GLU B 18 14.04 -7.58 48.36
C GLU B 18 12.89 -7.61 47.39
N GLN B 19 11.63 -7.52 47.84
CA GLN B 19 10.50 -7.47 46.91
C GLN B 19 10.66 -6.40 45.77
N LEU B 20 10.99 -5.17 46.13
CA LEU B 20 11.12 -4.13 45.11
C LEU B 20 12.09 -4.50 43.97
N GLU B 21 13.19 -5.17 44.30
CA GLU B 21 14.17 -5.58 43.27
C GLU B 21 13.61 -6.74 42.47
N SER B 22 12.93 -7.68 43.12
CA SER B 22 12.35 -8.80 42.38
C SER B 22 11.28 -8.30 41.39
N SER B 23 10.51 -7.31 41.83
CA SER B 23 9.56 -6.62 40.98
C SER B 23 10.25 -5.90 39.84
N LEU B 24 11.10 -4.91 40.11
CA LEU B 24 11.78 -4.24 38.97
C LEU B 24 12.35 -5.33 38.04
N GLN B 25 12.82 -6.42 38.65
CA GLN B 25 13.47 -7.48 37.90
C GLN B 25 12.44 -7.99 36.92
N ASP B 26 11.34 -8.46 37.47
CA ASP B 26 10.37 -9.18 36.71
C ASP B 26 9.61 -8.30 35.69
N ALA B 27 9.44 -7.01 35.97
CA ALA B 27 8.85 -6.10 34.99
C ALA B 27 9.76 -5.96 33.81
N LEU B 28 11.01 -5.69 34.06
CA LEU B 28 11.99 -5.61 32.97
C LEU B 28 12.04 -6.90 32.13
N ALA B 29 11.77 -8.05 32.74
CA ALA B 29 11.73 -9.30 31.99
C ALA B 29 10.52 -9.24 31.08
N LYS B 30 9.32 -9.11 31.68
CA LYS B 30 8.04 -9.25 30.94
C LYS B 30 8.02 -8.25 29.83
N LEU B 31 8.62 -7.08 30.04
CA LEU B 31 8.77 -6.09 29.01
C LEU B 31 9.66 -6.64 27.94
N LYS B 32 10.95 -6.80 28.24
CA LYS B 32 11.92 -7.18 27.22
C LYS B 32 11.34 -8.30 26.33
N ASN B 33 10.54 -9.18 26.91
CA ASN B 33 10.10 -10.35 26.24
C ASN B 33 9.12 -9.97 25.17
N ARG B 34 8.18 -9.13 25.58
CA ARG B 34 7.10 -8.83 24.72
C ARG B 34 7.61 -7.85 23.68
N ASP B 35 8.70 -7.16 24.00
CA ASP B 35 9.49 -6.42 23.00
C ASP B 35 10.16 -7.25 21.91
N ALA B 36 10.63 -8.42 22.30
CA ALA B 36 11.30 -9.34 21.43
C ALA B 36 10.24 -9.83 20.50
N LYS B 37 9.18 -10.35 21.10
CA LYS B 37 8.04 -10.95 20.37
C LYS B 37 7.54 -10.04 19.23
N GLN B 38 7.59 -8.74 19.49
CA GLN B 38 7.17 -7.73 18.55
C GLN B 38 8.21 -7.56 17.46
N THR B 39 9.49 -7.55 17.80
CA THR B 39 10.53 -7.61 16.75
C THR B 39 10.52 -8.89 15.85
N VAL B 40 10.20 -10.04 16.41
CA VAL B 40 10.11 -11.25 15.59
C VAL B 40 8.99 -10.92 14.60
N GLN B 41 7.91 -10.37 15.12
CA GLN B 41 6.77 -10.07 14.30
C GLN B 41 7.01 -9.04 13.20
N LYS B 42 7.79 -7.99 13.48
CA LYS B 42 8.10 -7.09 12.38
C LYS B 42 8.75 -7.95 11.27
N HIS B 43 9.68 -8.81 11.66
CA HIS B 43 10.45 -9.55 10.67
C HIS B 43 9.61 -10.51 9.81
N ILE B 44 8.78 -11.32 10.45
CA ILE B 44 7.87 -12.22 9.75
C ILE B 44 6.89 -11.47 8.79
N ASP B 45 6.36 -10.34 9.23
CA ASP B 45 5.45 -9.54 8.41
C ASP B 45 6.16 -8.98 7.19
N LEU B 46 7.43 -8.63 7.37
CA LEU B 46 8.19 -8.10 6.27
C LEU B 46 8.59 -9.25 5.32
N LEU B 47 8.69 -10.46 5.88
CA LEU B 47 8.98 -11.62 5.04
C LEU B 47 7.79 -11.86 4.15
N HIS B 48 6.60 -11.94 4.74
CA HIS B 48 5.37 -12.10 3.97
C HIS B 48 5.27 -11.02 2.87
N THR B 49 5.59 -9.78 3.20
CA THR B 49 5.50 -8.72 2.20
C THR B 49 6.50 -8.88 1.08
N TYR B 50 7.72 -9.28 1.41
CA TYR B 50 8.79 -9.41 0.41
C TYR B 50 8.44 -10.52 -0.55
N ASN B 51 7.93 -11.64 -0.05
CA ASN B 51 7.44 -12.71 -0.94
C ASN B 51 6.26 -12.24 -1.87
N GLU B 52 5.24 -11.62 -1.30
CA GLU B 52 4.15 -11.14 -2.11
C GLU B 52 4.70 -10.26 -3.24
N ILE B 53 5.56 -9.31 -2.93
CA ILE B 53 6.04 -8.44 -3.99
C ILE B 53 7.00 -9.18 -4.88
N ARG B 54 7.68 -10.20 -4.38
CA ARG B 54 8.58 -10.98 -5.25
C ARG B 54 7.75 -11.80 -6.23
N ASP B 55 6.73 -12.48 -5.73
CA ASP B 55 5.90 -13.30 -6.60
C ASP B 55 5.22 -12.50 -7.74
N ILE B 56 4.67 -11.32 -7.44
CA ILE B 56 4.08 -10.48 -8.48
C ILE B 56 5.14 -9.99 -9.48
N ALA B 57 6.35 -9.75 -9.01
CA ALA B 57 7.46 -9.35 -9.89
C ALA B 57 7.79 -10.47 -10.88
N LEU B 58 7.97 -11.70 -10.37
CA LEU B 58 8.24 -12.86 -11.21
C LEU B 58 7.13 -13.04 -12.24
N GLY B 59 5.89 -12.93 -11.76
CA GLY B 59 4.72 -13.09 -12.63
C GLY B 59 4.90 -12.23 -13.86
N MET B 60 5.12 -10.94 -13.62
CA MET B 60 5.32 -9.99 -14.69
C MET B 60 6.50 -10.37 -15.57
N ILE B 61 7.64 -10.67 -14.97
CA ILE B 61 8.81 -11.09 -15.75
C ILE B 61 8.64 -12.44 -16.48
N GLY B 62 7.79 -13.32 -15.94
CA GLY B 62 7.33 -14.50 -16.67
C GLY B 62 6.41 -14.18 -17.84
N LYS B 63 5.67 -13.06 -17.75
CA LYS B 63 4.72 -12.65 -18.81
C LYS B 63 5.41 -11.80 -19.89
N VAL B 64 6.17 -10.78 -19.47
CA VAL B 64 6.96 -9.94 -20.42
C VAL B 64 8.02 -10.77 -21.18
N ALA B 65 8.35 -11.95 -20.64
CA ALA B 65 9.03 -13.01 -21.39
C ALA B 65 8.23 -13.43 -22.63
N GLU B 66 6.97 -13.81 -22.43
CA GLU B 66 6.06 -14.19 -23.53
C GLU B 66 5.89 -13.11 -24.64
N HIS B 67 5.29 -11.97 -24.30
CA HIS B 67 5.12 -10.85 -25.25
C HIS B 67 6.49 -10.33 -25.71
N GLU C 14 13.21 -1.24 9.19
CA GLU C 14 11.89 -0.63 8.81
C GLU C 14 11.98 0.22 7.53
N GLN C 15 13.11 0.91 7.33
CA GLN C 15 13.36 1.66 6.08
C GLN C 15 13.17 0.79 4.84
N GLN C 16 13.38 -0.52 5.02
CA GLN C 16 13.08 -1.51 4.00
C GLN C 16 11.56 -1.55 3.71
N LYS C 17 10.74 -1.61 4.77
CA LYS C 17 9.28 -1.59 4.61
C LYS C 17 8.79 -0.35 3.81
N GLU C 18 9.46 0.80 3.93
CA GLU C 18 9.17 1.99 3.09
C GLU C 18 9.37 1.68 1.61
N GLN C 19 10.59 1.27 1.25
CA GLN C 19 10.93 0.80 -0.08
C GLN C 19 9.88 -0.12 -0.68
N LEU C 20 9.55 -1.20 0.02
CA LEU C 20 8.64 -2.17 -0.56
C LEU C 20 7.24 -1.58 -0.67
N GLU C 21 6.63 -1.17 0.45
CA GLU C 21 5.30 -0.54 0.38
C GLU C 21 5.31 0.44 -0.75
N SER C 22 6.29 1.31 -0.77
CA SER C 22 6.28 2.36 -1.78
C SER C 22 6.33 1.81 -3.22
N SER C 23 6.97 0.68 -3.41
CA SER C 23 7.11 0.12 -4.74
C SER C 23 5.76 -0.40 -5.20
N LEU C 24 4.90 -0.79 -4.27
CA LEU C 24 3.56 -1.17 -4.64
C LEU C 24 2.79 0.08 -4.95
N GLN C 25 2.89 1.07 -4.07
CA GLN C 25 2.06 2.27 -4.16
C GLN C 25 2.35 3.01 -5.46
N ASP C 26 3.60 2.98 -5.92
CA ASP C 26 3.97 3.62 -7.17
C ASP C 26 3.44 2.83 -8.37
N ALA C 27 3.55 1.51 -8.34
CA ALA C 27 2.92 0.69 -9.39
C ALA C 27 1.43 1.03 -9.58
N LEU C 28 0.65 0.94 -8.50
CA LEU C 28 -0.75 1.27 -8.53
C LEU C 28 -0.98 2.69 -9.04
N ALA C 29 -0.26 3.65 -8.49
CA ALA C 29 -0.39 5.03 -8.92
C ALA C 29 -0.19 5.10 -10.44
N LYS C 30 0.87 4.47 -10.92
CA LYS C 30 1.28 4.70 -12.30
C LYS C 30 0.15 4.30 -13.19
N LEU C 31 -0.49 3.19 -12.85
CA LEU C 31 -1.47 2.64 -13.75
C LEU C 31 -2.92 2.91 -13.38
N LYS C 32 -3.19 3.53 -12.24
CA LYS C 32 -4.50 4.16 -12.03
C LYS C 32 -4.54 5.43 -12.87
N ASN C 33 -3.43 6.15 -12.93
CA ASN C 33 -3.33 7.37 -13.74
C ASN C 33 -3.48 7.11 -15.24
N ARG C 34 -2.74 6.11 -15.74
CA ARG C 34 -2.82 5.75 -17.14
C ARG C 34 -4.27 5.59 -17.51
N ASP C 35 -5.05 4.83 -16.74
CA ASP C 35 -6.49 4.70 -16.96
C ASP C 35 -7.22 6.05 -16.97
N ALA C 36 -6.98 6.89 -15.94
CA ALA C 36 -7.63 8.19 -15.86
C ALA C 36 -7.56 8.82 -17.22
N LYS C 37 -6.34 8.90 -17.74
CA LYS C 37 -6.04 9.65 -18.96
C LYS C 37 -6.67 8.99 -20.19
N GLN C 38 -6.47 7.69 -20.32
CA GLN C 38 -7.17 6.92 -21.31
C GLN C 38 -8.67 7.09 -21.26
N THR C 39 -9.23 7.41 -20.11
CA THR C 39 -10.67 7.43 -20.00
C THR C 39 -11.26 8.73 -20.49
N VAL C 40 -10.66 9.83 -20.05
CA VAL C 40 -10.95 11.13 -20.64
C VAL C 40 -10.81 11.08 -22.13
N GLN C 41 -9.74 10.47 -22.61
CA GLN C 41 -9.57 10.46 -24.06
C GLN C 41 -10.65 9.60 -24.75
N LYS C 42 -11.05 8.48 -24.15
CA LYS C 42 -12.10 7.67 -24.75
C LYS C 42 -13.32 8.55 -24.97
N HIS C 43 -13.61 9.41 -24.01
CA HIS C 43 -14.74 10.27 -24.15
C HIS C 43 -14.55 11.19 -25.33
N ILE C 44 -13.43 11.91 -25.36
CA ILE C 44 -13.22 12.84 -26.49
C ILE C 44 -13.33 12.17 -27.87
N ASP C 45 -12.95 10.91 -27.99
CA ASP C 45 -12.99 10.25 -29.30
C ASP C 45 -14.40 9.96 -29.71
N LEU C 46 -15.22 9.54 -28.74
CA LEU C 46 -16.66 9.25 -28.93
C LEU C 46 -17.26 10.48 -29.56
N LEU C 47 -17.15 11.62 -28.88
CA LEU C 47 -17.58 12.88 -29.46
C LEU C 47 -17.00 13.14 -30.88
N HIS C 48 -15.68 13.06 -31.09
CA HIS C 48 -15.15 13.41 -32.43
C HIS C 48 -15.61 12.46 -33.54
N THR C 49 -15.79 11.19 -33.20
CA THR C 49 -16.14 10.22 -34.20
C THR C 49 -17.53 10.53 -34.66
N TYR C 50 -18.43 10.74 -33.72
CA TYR C 50 -19.78 11.06 -34.07
C TYR C 50 -19.88 12.31 -34.92
N ASN C 51 -19.02 13.29 -34.71
CA ASN C 51 -18.93 14.40 -35.65
C ASN C 51 -18.39 14.03 -37.00
N GLU C 52 -17.58 12.99 -37.11
CA GLU C 52 -17.19 12.58 -38.44
C GLU C 52 -18.35 11.84 -39.15
N ILE C 53 -19.01 10.94 -38.45
CA ILE C 53 -20.21 10.34 -38.97
C ILE C 53 -21.29 11.37 -39.36
N ARG C 54 -21.67 12.32 -38.49
CA ARG C 54 -22.65 13.38 -38.89
C ARG C 54 -22.19 13.98 -40.25
N ASP C 55 -20.92 14.37 -40.38
CA ASP C 55 -20.39 14.96 -41.65
C ASP C 55 -20.39 14.05 -42.88
N ILE C 56 -20.02 12.80 -42.73
CA ILE C 56 -20.10 11.87 -43.85
C ILE C 56 -21.55 11.88 -44.26
N ALA C 57 -22.44 11.48 -43.35
CA ALA C 57 -23.88 11.58 -43.61
C ALA C 57 -24.24 12.80 -44.45
N LEU C 58 -23.87 14.00 -44.02
CA LEU C 58 -24.31 15.20 -44.70
C LEU C 58 -23.65 15.28 -46.06
N GLY C 59 -22.38 14.85 -46.13
CA GLY C 59 -21.69 14.76 -47.42
C GLY C 59 -22.56 14.07 -48.45
N MET C 60 -23.02 12.86 -48.12
CA MET C 60 -23.81 12.07 -49.05
C MET C 60 -25.09 12.80 -49.38
N ILE C 61 -25.77 13.25 -48.34
CA ILE C 61 -27.03 13.96 -48.50
C ILE C 61 -26.88 15.29 -49.25
N GLY C 62 -25.70 15.90 -49.12
CA GLY C 62 -25.40 17.12 -49.84
C GLY C 62 -25.31 16.77 -51.31
N LYS C 63 -24.50 15.76 -51.64
CA LYS C 63 -24.26 15.35 -53.04
C LYS C 63 -25.25 14.28 -53.58
N VAL C 64 -26.38 14.08 -52.91
CA VAL C 64 -27.47 13.29 -53.50
C VAL C 64 -28.60 14.27 -53.85
N ALA C 65 -29.21 14.89 -52.84
CA ALA C 65 -30.25 15.89 -53.08
C ALA C 65 -29.82 16.95 -54.14
N GLU C 66 -28.52 17.25 -54.21
CA GLU C 66 -27.98 18.07 -55.30
C GLU C 66 -28.19 17.34 -56.62
N VAL D 10 -27.80 12.13 -72.86
CA VAL D 10 -27.97 11.68 -71.45
C VAL D 10 -26.76 12.07 -70.63
N HIS D 11 -26.45 13.38 -70.61
CA HIS D 11 -25.32 13.90 -69.82
C HIS D 11 -25.70 14.09 -68.36
N LEU D 12 -26.90 14.63 -68.11
CA LEU D 12 -27.43 14.74 -66.73
C LEU D 12 -27.58 13.35 -66.10
N LEU D 13 -27.96 12.35 -66.89
CA LEU D 13 -28.09 10.97 -66.41
C LEU D 13 -26.75 10.37 -65.94
N GLU D 14 -25.66 10.73 -66.63
CA GLU D 14 -24.33 10.18 -66.33
C GLU D 14 -23.57 11.07 -65.34
N GLN D 15 -23.78 12.38 -65.40
CA GLN D 15 -23.24 13.30 -64.39
C GLN D 15 -23.88 12.98 -63.01
N GLN D 16 -25.17 12.65 -63.00
CA GLN D 16 -25.88 12.28 -61.77
C GLN D 16 -25.33 11.01 -61.14
N LYS D 17 -25.05 10.00 -61.95
CA LYS D 17 -24.62 8.69 -61.44
C LYS D 17 -23.19 8.75 -60.93
N GLU D 18 -22.36 9.55 -61.59
CA GLU D 18 -21.00 9.78 -61.13
C GLU D 18 -21.03 10.41 -59.73
N GLN D 19 -21.88 11.41 -59.53
CA GLN D 19 -22.09 11.98 -58.19
C GLN D 19 -22.50 10.92 -57.18
N LEU D 20 -23.43 10.05 -57.58
CA LEU D 20 -23.93 9.01 -56.67
C LEU D 20 -22.85 7.97 -56.29
N GLU D 21 -22.12 7.44 -57.27
CA GLU D 21 -21.08 6.45 -56.99
C GLU D 21 -19.99 7.02 -56.09
N SER D 22 -19.66 8.29 -56.26
CA SER D 22 -18.55 8.85 -55.50
C SER D 22 -18.97 9.05 -54.05
N SER D 23 -20.17 9.57 -53.82
CA SER D 23 -20.61 9.83 -52.45
C SER D 23 -20.60 8.54 -51.63
N LEU D 24 -20.82 7.40 -52.26
CA LEU D 24 -20.69 6.15 -51.55
C LEU D 24 -19.21 5.86 -51.34
N GLN D 25 -18.42 6.06 -52.38
CA GLN D 25 -16.99 5.70 -52.35
C GLN D 25 -16.20 6.61 -51.40
N ASP D 26 -16.55 7.88 -51.33
CA ASP D 26 -15.87 8.81 -50.44
C ASP D 26 -16.24 8.44 -49.01
N ALA D 27 -17.54 8.37 -48.77
CA ALA D 27 -18.01 7.89 -47.49
C ALA D 27 -17.13 6.73 -47.03
N LEU D 28 -16.92 5.73 -47.89
CA LEU D 28 -16.14 4.56 -47.51
C LEU D 28 -14.68 4.89 -47.32
N ALA D 29 -14.13 5.72 -48.21
CA ALA D 29 -12.73 6.15 -48.12
C ALA D 29 -12.47 6.86 -46.81
N LYS D 30 -13.41 7.73 -46.39
CA LYS D 30 -13.23 8.51 -45.15
C LYS D 30 -13.35 7.61 -43.92
N LEU D 31 -14.29 6.66 -43.96
CA LEU D 31 -14.47 5.68 -42.88
C LEU D 31 -13.31 4.68 -42.82
N LYS D 32 -12.63 4.44 -43.93
CA LYS D 32 -11.55 3.46 -43.93
C LYS D 32 -10.32 4.17 -43.35
N ASN D 33 -10.14 5.44 -43.68
CA ASN D 33 -8.93 6.11 -43.26
C ASN D 33 -8.93 6.57 -41.81
N ARG D 34 -10.10 6.77 -41.21
CA ARG D 34 -10.25 6.97 -39.76
C ARG D 34 -9.86 5.72 -39.01
N ASP D 35 -10.35 4.56 -39.43
CA ASP D 35 -9.97 3.33 -38.74
C ASP D 35 -8.51 2.95 -39.00
N ALA D 36 -7.95 3.41 -40.11
CA ALA D 36 -6.52 3.22 -40.33
C ALA D 36 -5.80 3.95 -39.20
N LYS D 37 -6.11 5.23 -39.03
CA LYS D 37 -5.56 6.07 -37.99
C LYS D 37 -5.88 5.58 -36.57
N GLN D 38 -7.13 5.30 -36.23
CA GLN D 38 -7.45 4.79 -34.87
C GLN D 38 -6.71 3.47 -34.49
N THR D 39 -6.40 2.62 -35.47
CA THR D 39 -5.95 1.27 -35.18
C THR D 39 -4.46 1.33 -34.92
N VAL D 40 -3.74 1.98 -35.82
CA VAL D 40 -2.34 2.20 -35.63
C VAL D 40 -2.17 2.89 -34.27
N GLN D 41 -3.03 3.85 -33.99
CA GLN D 41 -2.93 4.59 -32.74
C GLN D 41 -3.19 3.73 -31.50
N LYS D 42 -4.08 2.75 -31.64
CA LYS D 42 -4.40 1.87 -30.53
C LYS D 42 -3.19 0.98 -30.31
N HIS D 43 -2.46 0.71 -31.39
CA HIS D 43 -1.31 -0.19 -31.28
C HIS D 43 -0.23 0.54 -30.51
N ILE D 44 0.26 1.64 -31.05
CA ILE D 44 1.20 2.49 -30.31
C ILE D 44 0.80 2.66 -28.83
N ASP D 45 -0.45 3.01 -28.57
CA ASP D 45 -0.87 3.26 -27.18
C ASP D 45 -0.70 1.99 -26.31
N LEU D 46 -0.81 0.82 -26.95
CA LEU D 46 -0.72 -0.46 -26.27
C LEU D 46 0.74 -0.79 -26.03
N LEU D 47 1.58 -0.43 -26.97
CA LEU D 47 3.01 -0.56 -26.77
C LEU D 47 3.49 0.20 -25.53
N HIS D 48 3.14 1.49 -25.44
CA HIS D 48 3.56 2.32 -24.31
C HIS D 48 3.00 1.83 -22.96
N THR D 49 1.76 1.36 -22.98
CA THR D 49 1.18 0.66 -21.86
C THR D 49 2.01 -0.52 -21.48
N TYR D 50 2.62 -1.20 -22.46
CA TYR D 50 3.40 -2.37 -22.13
C TYR D 50 4.79 -2.01 -21.67
N ASN D 51 5.48 -1.12 -22.38
CA ASN D 51 6.80 -0.69 -21.89
C ASN D 51 6.66 -0.27 -20.44
N GLU D 52 5.56 0.40 -20.09
CA GLU D 52 5.38 0.86 -18.70
C GLU D 52 5.25 -0.28 -17.69
N ILE D 53 4.37 -1.25 -17.96
CA ILE D 53 4.18 -2.34 -16.99
C ILE D 53 5.41 -3.26 -16.95
N ARG D 54 6.17 -3.32 -18.02
CA ARG D 54 7.41 -4.04 -18.02
C ARG D 54 8.37 -3.31 -17.07
N ASP D 55 8.57 -2.00 -17.31
CA ASP D 55 9.43 -1.19 -16.44
C ASP D 55 8.97 -1.21 -14.98
N ILE D 56 7.69 -1.40 -14.73
CA ILE D 56 7.24 -1.66 -13.37
C ILE D 56 7.84 -2.96 -12.85
N ALA D 57 7.94 -3.99 -13.69
CA ALA D 57 8.49 -5.28 -13.29
C ALA D 57 9.97 -5.13 -12.94
N LEU D 58 10.81 -4.76 -13.90
CA LEU D 58 12.20 -4.41 -13.59
C LEU D 58 12.31 -3.63 -12.27
N GLY D 59 11.53 -2.57 -12.14
CA GLY D 59 11.54 -1.74 -10.94
C GLY D 59 11.38 -2.60 -9.71
N MET D 60 10.35 -3.45 -9.73
CA MET D 60 10.01 -4.25 -8.57
C MET D 60 11.05 -5.33 -8.30
N ILE D 61 11.57 -5.96 -9.35
CA ILE D 61 12.59 -6.99 -9.18
C ILE D 61 13.91 -6.37 -8.71
N GLY D 62 14.20 -5.14 -9.13
CA GLY D 62 15.37 -4.42 -8.65
C GLY D 62 15.33 -4.21 -7.16
N LYS D 63 14.21 -3.67 -6.67
CA LYS D 63 14.03 -3.43 -5.23
C LYS D 63 14.01 -4.73 -4.41
N VAL D 64 13.52 -5.82 -5.01
CA VAL D 64 13.60 -7.13 -4.38
C VAL D 64 15.04 -7.63 -4.32
N ALA D 65 15.83 -7.39 -5.36
CA ALA D 65 17.21 -7.82 -5.36
C ALA D 65 18.01 -7.00 -4.34
N GLU D 66 17.77 -5.69 -4.24
CA GLU D 66 18.51 -4.90 -3.23
C GLU D 66 18.02 -5.16 -1.80
N HIS D 67 16.79 -5.66 -1.62
CA HIS D 67 16.34 -6.12 -0.30
C HIS D 67 17.07 -7.41 0.02
N GLU D 68 17.13 -8.33 -0.96
CA GLU D 68 17.72 -9.68 -0.79
C GLU D 68 19.20 -9.64 -0.39
N LYS D 69 19.96 -8.80 -1.08
CA LYS D 69 21.38 -8.60 -0.79
C LYS D 69 21.55 -7.57 0.34
N CYS D 70 21.00 -7.89 1.51
CA CYS D 70 21.38 -7.28 2.78
C CYS D 70 20.81 -8.11 3.95
N THR D 71 20.83 -9.45 3.79
CA THR D 71 20.58 -10.41 4.89
C THR D 71 21.43 -11.64 4.54
N SER D 72 21.24 -12.77 5.22
CA SER D 72 21.79 -14.04 4.72
C SER D 72 20.71 -15.16 4.79
C1 BOG E . 13.94 -11.99 8.64
O1 BOG E . 12.77 -12.82 8.99
C2 BOG E . 13.65 -10.61 7.99
O2 BOG E . 12.67 -10.62 6.92
C3 BOG E . 15.00 -10.04 7.48
O3 BOG E . 14.93 -8.70 6.94
C4 BOG E . 16.06 -9.98 8.58
O4 BOG E . 17.29 -9.64 7.95
C5 BOG E . 16.18 -11.32 9.34
O5 BOG E . 14.86 -11.76 9.74
C6 BOG E . 17.20 -11.25 10.51
O6 BOG E . 16.66 -10.76 11.76
C1' BOG E . 12.42 -13.12 10.37
C2' BOG E . 12.23 -14.60 10.74
C3' BOG E . 12.43 -14.80 12.25
C4' BOG E . 11.73 -16.05 12.80
C5' BOG E . 12.10 -16.42 14.26
C6' BOG E . 11.23 -17.57 14.77
C7' BOG E . 11.08 -17.60 16.31
C8' BOG E . 10.05 -18.61 16.80
C1 BOG F . 1.55 8.92 -23.84
O1 BOG F . 2.74 9.51 -24.43
C2 BOG F . 1.95 8.41 -22.43
O2 BOG F . 2.83 7.24 -22.62
C3 BOG F . 0.71 8.22 -21.44
O3 BOG F . 1.00 8.65 -20.08
C4 BOG F . -0.64 8.84 -21.85
O4 BOG F . -1.74 8.02 -21.44
C5 BOG F . -0.78 8.94 -23.36
O5 BOG F . 0.34 9.76 -23.81
C6 BOG F . -2.21 9.36 -23.78
O6 BOG F . -3.23 8.31 -23.59
C1' BOG F . 3.58 8.52 -25.11
C2' BOG F . 4.33 9.04 -26.37
C3' BOG F . 3.58 9.03 -27.71
C4' BOG F . 4.34 8.43 -28.91
C5' BOG F . 4.48 9.37 -30.11
C6' BOG F . 3.94 8.84 -31.45
C7' BOG F . 4.82 9.19 -32.68
C8' BOG F . 4.64 8.28 -33.92
#